data_4YL1
#
_entry.id   4YL1
#
_cell.length_a   76.585
_cell.length_b   76.585
_cell.length_c   123.617
_cell.angle_alpha   90.00
_cell.angle_beta   90.00
_cell.angle_gamma   120.00
#
_symmetry.space_group_name_H-M   'H 3'
#
loop_
_entity.id
_entity.type
_entity.pdbx_description
1 polymer 'Prostaglandin E synthase'
2 non-polymer '5-(4-tert-butylphenyl)-1-[4-(propan-2-yloxy)phenyl]-1H-indole-2-carboxylic acid'
3 non-polymer DI(HYDROXYETHYL)ETHER
4 non-polymer GLUTATHIONE
5 non-polymer 'octyl beta-D-glucopyranoside'
6 non-polymer 'TETRAETHYLENE GLYCOL'
7 water water
#
_entity_poly.entity_id   1
_entity_poly.type   'polypeptide(L)'
_entity_poly.pdbx_seq_one_letter_code
;SLVMSSPALPAFLLCSTLLVIKMYVVAIITGQVRLRKKAFANPEDALRHGGPQYCRSDPDVERCLRAHRNDMETIYPFLF
LGFVYSFLGPNPFVAWMHFLVFLVGRVAHTVAYLGKLRAPIRSVTYTLAQLPCASMALQILWEAARHL
;
_entity_poly.pdbx_strand_id   A
#
loop_
_chem_comp.id
_chem_comp.type
_chem_comp.name
_chem_comp.formula
4U8 non-polymer '5-(4-tert-butylphenyl)-1-[4-(propan-2-yloxy)phenyl]-1H-indole-2-carboxylic acid' 'C28 H29 N O3'
BOG D-saccharide 'octyl beta-D-glucopyranoside' 'C14 H28 O6'
GSH non-polymer GLUTATHIONE 'C10 H17 N3 O6 S'
PEG non-polymer DI(HYDROXYETHYL)ETHER 'C4 H10 O3'
PG4 non-polymer 'TETRAETHYLENE GLYCOL' 'C8 H18 O5'
#
# COMPACT_ATOMS: atom_id res chain seq x y z
N SER A 1 -1.96 11.95 24.94
CA SER A 1 -1.63 10.61 24.37
C SER A 1 -0.26 10.61 23.69
N LEU A 2 0.34 9.42 23.60
CA LEU A 2 1.65 9.24 22.93
C LEU A 2 1.57 9.46 21.43
N VAL A 3 0.35 9.59 20.91
CA VAL A 3 0.12 9.95 19.51
C VAL A 3 0.63 11.37 19.22
N MET A 4 0.83 12.15 20.28
CA MET A 4 1.33 13.51 20.13
C MET A 4 2.81 13.70 20.43
N SER A 5 3.57 12.61 20.34
CA SER A 5 5.01 12.63 20.55
C SER A 5 5.73 13.50 19.51
N SER A 6 5.05 13.78 18.40
CA SER A 6 5.55 14.65 17.34
C SER A 6 4.37 15.20 16.53
N PRO A 7 4.45 16.46 16.05
CA PRO A 7 3.30 17.07 15.37
C PRO A 7 2.79 16.34 14.11
N ALA A 8 3.68 15.61 13.44
CA ALA A 8 3.33 14.91 12.19
C ALA A 8 2.75 13.51 12.41
N LEU A 9 2.92 12.98 13.62
CA LEU A 9 2.54 11.60 13.90
C LEU A 9 1.06 11.26 13.67
N PRO A 10 0.12 12.11 14.15
CA PRO A 10 -1.29 11.76 13.92
C PRO A 10 -1.64 11.60 12.44
N ALA A 11 -1.14 12.51 11.60
CA ALA A 11 -1.37 12.44 10.15
C ALA A 11 -0.77 11.16 9.58
N PHE A 12 0.45 10.82 10.01
CA PHE A 12 1.07 9.58 9.55
C PHE A 12 0.23 8.36 9.94
N LEU A 13 -0.21 8.32 11.20
CA LEU A 13 -0.96 7.16 11.68
C LEU A 13 -2.31 7.02 10.98
N LEU A 14 -2.94 8.15 10.66
CA LEU A 14 -4.20 8.12 9.92
C LEU A 14 -4.00 7.53 8.53
N CYS A 15 -3.01 8.04 7.80
CA CYS A 15 -2.76 7.60 6.42
C CYS A 15 -2.31 6.15 6.38
N SER A 16 -1.40 5.77 7.27
CA SER A 16 -0.88 4.40 7.31
C SER A 16 -1.96 3.39 7.62
N THR A 17 -2.80 3.71 8.62
CA THR A 17 -3.83 2.77 9.03
C THR A 17 -4.89 2.61 7.93
N LEU A 18 -5.23 3.72 7.26
CA LEU A 18 -6.12 3.65 6.11
C LEU A 18 -5.55 2.75 5.01
N LEU A 19 -4.24 2.84 4.79
CA LEU A 19 -3.59 2.00 3.80
C LEU A 19 -3.55 0.53 4.18
N VAL A 20 -3.34 0.25 5.46
CA VAL A 20 -3.43 -1.13 5.95
C VAL A 20 -4.85 -1.67 5.72
N ILE A 21 -5.86 -0.88 6.07
CA ILE A 21 -7.24 -1.28 5.81
C ILE A 21 -7.49 -1.50 4.31
N LYS A 22 -6.92 -0.62 3.48
CA LYS A 22 -7.01 -0.76 2.01
C LYS A 22 -6.40 -2.08 1.52
N MET A 23 -5.33 -2.54 2.17
CA MET A 23 -4.75 -3.85 1.85
C MET A 23 -5.68 -4.98 2.26
N TYR A 24 -6.31 -4.84 3.43
CA TYR A 24 -7.29 -5.82 3.88
C TYR A 24 -8.46 -5.91 2.91
N VAL A 25 -8.86 -4.76 2.35
CA VAL A 25 -9.91 -4.71 1.33
C VAL A 25 -9.50 -5.53 0.09
N VAL A 26 -8.24 -5.38 -0.34
CA VAL A 26 -7.72 -6.18 -1.44
C VAL A 26 -7.78 -7.68 -1.13
N ALA A 27 -7.41 -8.07 0.10
CA ALA A 27 -7.52 -9.47 0.51
C ALA A 27 -8.96 -9.98 0.45
N ILE A 28 -9.91 -9.16 0.90
CA ILE A 28 -11.34 -9.51 0.87
C ILE A 28 -11.81 -9.69 -0.56
N ILE A 29 -11.47 -8.73 -1.43
CA ILE A 29 -11.82 -8.82 -2.85
C ILE A 29 -11.24 -10.09 -3.48
N THR A 30 -9.98 -10.41 -3.17
CA THR A 30 -9.33 -11.60 -3.71
C THR A 30 -10.16 -12.86 -3.39
N GLY A 31 -10.57 -12.99 -2.13
CA GLY A 31 -11.38 -14.13 -1.70
C GLY A 31 -12.71 -14.20 -2.45
N GLN A 32 -13.35 -13.04 -2.61
CA GLN A 32 -14.62 -12.96 -3.33
C GLN A 32 -14.47 -13.38 -4.79
N VAL A 33 -13.38 -12.95 -5.43
CA VAL A 33 -13.10 -13.31 -6.82
C VAL A 33 -12.84 -14.81 -6.96
N ARG A 34 -12.10 -15.39 -6.01
CA ARG A 34 -11.85 -16.83 -6.01
C ARG A 34 -13.15 -17.62 -5.98
N LEU A 35 -14.08 -17.19 -5.12
CA LEU A 35 -15.37 -17.86 -5.00
C LEU A 35 -16.24 -17.69 -6.24
N ARG A 36 -16.30 -16.48 -6.78
CA ARG A 36 -17.12 -16.19 -7.97
C ARG A 36 -16.60 -16.91 -9.22
N LYS A 37 -15.29 -16.90 -9.40
CA LYS A 37 -14.64 -17.52 -10.56
C LYS A 37 -14.34 -19.00 -10.33
N LYS A 38 -14.61 -19.48 -9.11
CA LYS A 38 -14.28 -20.85 -8.69
C LYS A 38 -12.84 -21.20 -9.04
N ALA A 39 -11.92 -20.40 -8.51
CA ALA A 39 -10.50 -20.55 -8.78
C ALA A 39 -9.73 -20.54 -7.46
N PHE A 40 -9.43 -21.74 -6.97
CA PHE A 40 -8.82 -21.91 -5.66
C PHE A 40 -7.38 -22.36 -5.79
N ALA A 41 -6.56 -21.98 -4.82
CA ALA A 41 -5.14 -22.29 -4.85
C ALA A 41 -4.81 -23.66 -4.29
N ASN A 42 -5.76 -24.24 -3.55
CA ASN A 42 -5.51 -25.47 -2.81
C ASN A 42 -6.56 -26.53 -3.10
N PRO A 43 -6.13 -27.79 -3.26
CA PRO A 43 -7.11 -28.86 -3.53
C PRO A 43 -8.16 -28.99 -2.43
N GLU A 44 -7.78 -28.80 -1.18
CA GLU A 44 -8.75 -28.88 -0.07
C GLU A 44 -9.86 -27.82 -0.19
N ASP A 45 -9.51 -26.65 -0.69
CA ASP A 45 -10.49 -25.59 -0.95
C ASP A 45 -11.41 -25.98 -2.10
N ALA A 46 -10.80 -26.42 -3.21
CA ALA A 46 -11.54 -26.79 -4.41
C ALA A 46 -12.56 -27.91 -4.16
N LEU A 47 -12.14 -28.93 -3.41
CA LEU A 47 -13.03 -30.07 -3.12
C LEU A 47 -14.26 -29.66 -2.32
N ARG A 48 -14.11 -28.68 -1.44
CA ARG A 48 -15.22 -28.15 -0.66
C ARG A 48 -16.17 -27.32 -1.52
N HIS A 49 -15.63 -26.72 -2.58
CA HIS A 49 -16.38 -25.75 -3.39
C HIS A 49 -16.75 -26.23 -4.80
N GLY A 50 -16.85 -27.54 -4.99
CA GLY A 50 -17.38 -28.06 -6.25
C GLY A 50 -16.61 -29.17 -6.95
N GLY A 51 -15.35 -29.37 -6.55
CA GLY A 51 -14.54 -30.43 -7.14
C GLY A 51 -13.12 -30.04 -7.47
N PRO A 52 -12.26 -31.05 -7.78
CA PRO A 52 -10.82 -30.86 -7.98
C PRO A 52 -10.47 -29.98 -9.17
N GLN A 53 -11.38 -29.90 -10.15
CA GLN A 53 -11.17 -29.08 -11.35
C GLN A 53 -11.13 -27.59 -11.02
N TYR A 54 -11.61 -27.23 -9.83
CA TYR A 54 -11.61 -25.83 -9.41
C TYR A 54 -10.35 -25.41 -8.65
N CYS A 55 -9.39 -26.32 -8.52
CA CYS A 55 -8.04 -25.93 -8.11
C CYS A 55 -7.33 -25.51 -9.39
N ARG A 56 -7.35 -24.21 -9.65
CA ARG A 56 -6.91 -23.66 -10.92
C ARG A 56 -6.60 -22.18 -10.78
N SER A 57 -5.79 -21.66 -11.70
CA SER A 57 -5.51 -20.24 -11.77
C SER A 57 -6.62 -19.52 -12.52
N ASP A 58 -6.74 -18.22 -12.26
CA ASP A 58 -7.69 -17.37 -12.97
C ASP A 58 -7.04 -16.00 -13.15
N PRO A 59 -7.20 -15.37 -14.33
CA PRO A 59 -6.53 -14.09 -14.55
C PRO A 59 -6.94 -12.98 -13.58
N ASP A 60 -8.21 -12.94 -13.18
CA ASP A 60 -8.68 -11.93 -12.22
C ASP A 60 -8.11 -12.16 -10.83
N VAL A 61 -8.04 -13.43 -10.41
CA VAL A 61 -7.39 -13.77 -9.14
C VAL A 61 -5.91 -13.37 -9.19
N GLU A 62 -5.22 -13.71 -10.27
CA GLU A 62 -3.81 -13.36 -10.42
C GLU A 62 -3.62 -11.83 -10.36
N ARG A 63 -4.51 -11.09 -10.99
CA ARG A 63 -4.49 -9.62 -10.93
C ARG A 63 -4.62 -9.10 -9.49
N CYS A 64 -5.56 -9.66 -8.74
CA CYS A 64 -5.73 -9.30 -7.33
C CYS A 64 -4.46 -9.55 -6.53
N LEU A 65 -3.84 -10.70 -6.77
CA LEU A 65 -2.59 -11.05 -6.10
C LEU A 65 -1.46 -10.09 -6.47
N ARG A 66 -1.42 -9.66 -7.73
CA ARG A 66 -0.41 -8.68 -8.16
C ARG A 66 -0.61 -7.34 -7.46
N ALA A 67 -1.86 -6.89 -7.33
CA ALA A 67 -2.14 -5.64 -6.63
C ALA A 67 -1.70 -5.74 -5.18
N HIS A 68 -2.04 -6.86 -4.54
CA HIS A 68 -1.67 -7.08 -3.15
C HIS A 68 -0.15 -7.14 -3.00
N ARG A 69 0.52 -7.83 -3.93
CA ARG A 69 1.97 -7.89 -3.86
CA ARG A 69 1.99 -7.90 -3.90
C ARG A 69 2.61 -6.52 -4.05
N ASN A 70 2.11 -5.75 -5.01
CA ASN A 70 2.64 -4.41 -5.20
C ASN A 70 2.45 -3.53 -3.96
N ASP A 71 1.29 -3.68 -3.30
CA ASP A 71 1.06 -3.05 -2.00
C ASP A 71 2.15 -3.42 -0.99
N MET A 72 2.48 -4.71 -0.90
CA MET A 72 3.52 -5.15 0.03
C MET A 72 4.90 -4.58 -0.31
N GLU A 73 5.15 -4.38 -1.60
CA GLU A 73 6.41 -3.82 -2.08
C GLU A 73 6.56 -2.32 -1.79
N THR A 74 5.45 -1.65 -1.51
CA THR A 74 5.44 -0.18 -1.42
C THR A 74 4.89 0.35 -0.10
N ILE A 75 3.76 -0.19 0.36
CA ILE A 75 3.13 0.29 1.58
C ILE A 75 3.92 -0.12 2.81
N TYR A 76 4.45 -1.34 2.83
CA TYR A 76 5.23 -1.76 3.99
C TYR A 76 6.46 -0.87 4.23
N PRO A 77 7.26 -0.57 3.17
CA PRO A 77 8.35 0.41 3.38
C PRO A 77 7.87 1.78 3.89
N PHE A 78 6.73 2.24 3.39
CA PHE A 78 6.14 3.50 3.88
C PHE A 78 5.82 3.46 5.38
N LEU A 79 5.32 2.33 5.86
CA LEU A 79 5.02 2.18 7.29
C LEU A 79 6.26 2.43 8.14
N PHE A 80 7.41 1.94 7.65
CA PHE A 80 8.68 2.17 8.32
C PHE A 80 9.18 3.60 8.15
N LEU A 81 9.32 4.03 6.89
CA LEU A 81 9.90 5.34 6.57
C LEU A 81 9.07 6.48 7.16
N GLY A 82 7.75 6.41 7.01
CA GLY A 82 6.87 7.46 7.50
C GLY A 82 6.87 7.58 9.01
N PHE A 83 6.98 6.45 9.71
CA PHE A 83 7.05 6.46 11.17
C PHE A 83 8.32 7.15 11.65
N VAL A 84 9.46 6.75 11.08
CA VAL A 84 10.74 7.36 11.44
C VAL A 84 10.75 8.85 11.09
N TYR A 85 10.29 9.16 9.88
CA TYR A 85 10.24 10.54 9.37
C TYR A 85 9.42 11.47 10.28
N SER A 86 8.33 10.93 10.84
CA SER A 86 7.48 11.68 11.76
C SER A 86 8.24 12.25 12.95
N PHE A 87 9.34 11.59 13.33
CA PHE A 87 10.12 11.99 14.49
C PHE A 87 11.37 12.83 14.18
N LEU A 88 11.53 13.21 12.93
CA LEU A 88 12.68 14.01 12.51
C LEU A 88 12.38 15.51 12.48
N GLY A 89 11.25 15.89 13.08
CA GLY A 89 10.79 17.27 13.12
C GLY A 89 10.66 17.93 11.75
N PRO A 90 9.96 17.28 10.80
CA PRO A 90 9.74 17.94 9.53
C PRO A 90 8.66 19.02 9.66
N ASN A 91 8.64 19.97 8.74
CA ASN A 91 7.54 20.94 8.69
C ASN A 91 6.21 20.19 8.62
N PRO A 92 5.27 20.50 9.52
CA PRO A 92 3.99 19.79 9.62
C PRO A 92 3.24 19.69 8.29
N PHE A 93 3.14 20.82 7.58
CA PHE A 93 2.44 20.85 6.28
C PHE A 93 3.18 20.02 5.23
N VAL A 94 4.51 20.12 5.21
CA VAL A 94 5.34 19.34 4.29
C VAL A 94 5.18 17.84 4.55
N ALA A 95 5.19 17.45 5.82
CA ALA A 95 4.96 16.06 6.22
C ALA A 95 3.57 15.57 5.78
N TRP A 96 2.54 16.36 6.08
N TRP A 96 2.54 16.36 6.06
CA TRP A 96 1.17 16.11 5.61
CA TRP A 96 1.18 16.09 5.61
C TRP A 96 1.14 15.80 4.12
C TRP A 96 1.11 15.81 4.10
N MET A 97 1.80 16.64 3.32
CA MET A 97 1.83 16.49 1.87
CA MET A 97 1.84 16.49 1.87
CA MET A 97 1.83 16.48 1.87
C MET A 97 2.49 15.17 1.45
N HIS A 98 3.57 14.80 2.14
CA HIS A 98 4.23 13.51 1.86
C HIS A 98 3.25 12.37 2.07
N PHE A 99 2.56 12.39 3.21
CA PHE A 99 1.64 11.31 3.57
C PHE A 99 0.41 11.28 2.67
N LEU A 100 -0.14 12.45 2.33
CA LEU A 100 -1.32 12.56 1.49
CA LEU A 100 -1.32 12.54 1.49
C LEU A 100 -1.05 12.11 0.05
N VAL A 101 0.10 12.49 -0.49
CA VAL A 101 0.48 12.09 -1.84
C VAL A 101 0.61 10.56 -1.88
N PHE A 102 1.21 9.98 -0.85
CA PHE A 102 1.32 8.52 -0.80
C PHE A 102 -0.04 7.85 -0.70
N LEU A 103 -0.88 8.36 0.20
CA LEU A 103 -2.23 7.80 0.38
C LEU A 103 -3.04 7.86 -0.91
N VAL A 104 -3.10 9.04 -1.53
CA VAL A 104 -3.87 9.23 -2.75
C VAL A 104 -3.31 8.38 -3.90
N GLY A 105 -1.99 8.41 -4.06
CA GLY A 105 -1.32 7.62 -5.09
C GLY A 105 -1.59 6.13 -4.97
N ARG A 106 -1.52 5.61 -3.75
CA ARG A 106 -1.74 4.18 -3.53
C ARG A 106 -3.20 3.75 -3.68
N VAL A 107 -4.14 4.57 -3.20
CA VAL A 107 -5.55 4.25 -3.41
C VAL A 107 -5.84 4.24 -4.90
N ALA A 108 -5.35 5.25 -5.62
CA ALA A 108 -5.49 5.34 -7.07
C ALA A 108 -4.85 4.14 -7.77
N HIS A 109 -3.70 3.69 -7.27
CA HIS A 109 -3.02 2.52 -7.83
C HIS A 109 -3.92 1.28 -7.80
N THR A 110 -4.54 1.02 -6.65
CA THR A 110 -5.41 -0.15 -6.51
C THR A 110 -6.64 -0.03 -7.43
N VAL A 111 -7.22 1.16 -7.50
CA VAL A 111 -8.34 1.40 -8.42
C VAL A 111 -7.91 1.15 -9.87
N ALA A 112 -6.74 1.67 -10.25
CA ALA A 112 -6.23 1.51 -11.61
C ALA A 112 -5.86 0.05 -11.93
N TYR A 113 -5.38 -0.68 -10.93
CA TYR A 113 -5.00 -2.07 -11.12
C TYR A 113 -6.21 -2.98 -11.23
N LEU A 114 -7.06 -2.96 -10.20
CA LEU A 114 -8.21 -3.85 -10.16
C LEU A 114 -9.27 -3.44 -11.19
N GLY A 115 -9.32 -2.16 -11.51
CA GLY A 115 -10.24 -1.63 -12.52
C GLY A 115 -9.77 -1.76 -13.95
N LYS A 116 -8.55 -2.27 -14.13
CA LYS A 116 -7.98 -2.52 -15.47
C LYS A 116 -7.94 -1.26 -16.33
N LEU A 117 -7.57 -0.14 -15.71
CA LEU A 117 -7.49 1.14 -16.42
C LEU A 117 -6.33 1.14 -17.42
N ARG A 118 -6.47 1.90 -18.49
CA ARG A 118 -5.46 1.90 -19.54
C ARG A 118 -4.09 2.38 -19.06
N ALA A 119 -3.04 1.85 -19.66
CA ALA A 119 -1.69 2.32 -19.41
C ALA A 119 -1.53 3.75 -19.94
N PRO A 120 -0.71 4.58 -19.28
CA PRO A 120 0.12 4.28 -18.11
C PRO A 120 -0.48 4.74 -16.77
N ILE A 121 -1.80 4.71 -16.64
CA ILE A 121 -2.46 5.25 -15.45
C ILE A 121 -1.92 4.61 -14.16
N ARG A 122 -1.92 3.29 -14.09
CA ARG A 122 -1.41 2.60 -12.90
C ARG A 122 0.06 2.94 -12.63
N SER A 123 0.88 2.91 -13.67
CA SER A 123 2.30 3.21 -13.54
C SER A 123 2.56 4.63 -13.03
N VAL A 124 1.75 5.58 -13.49
CA VAL A 124 1.86 6.96 -13.03
C VAL A 124 1.54 7.06 -11.53
N THR A 125 0.47 6.38 -11.10
CA THR A 125 0.10 6.41 -9.68
C THR A 125 1.19 5.79 -8.80
N TYR A 126 1.80 4.70 -9.29
CA TYR A 126 2.92 4.07 -8.60
C TYR A 126 4.08 5.05 -8.42
N THR A 127 4.46 5.71 -9.51
CA THR A 127 5.58 6.63 -9.50
C THR A 127 5.31 7.83 -8.58
N LEU A 128 4.11 8.39 -8.69
CA LEU A 128 3.69 9.50 -7.83
C LEU A 128 3.84 9.14 -6.35
N ALA A 129 3.35 7.96 -5.97
CA ALA A 129 3.42 7.53 -4.58
C ALA A 129 4.85 7.24 -4.11
N GLN A 130 5.70 6.77 -5.02
CA GLN A 130 7.09 6.50 -4.64
C GLN A 130 7.90 7.77 -4.36
N LEU A 131 7.48 8.89 -4.96
CA LEU A 131 8.20 10.16 -4.77
C LEU A 131 8.36 10.58 -3.30
N PRO A 132 7.25 10.66 -2.53
CA PRO A 132 7.43 10.98 -1.11
C PRO A 132 8.23 9.94 -0.34
N CYS A 133 8.17 8.68 -0.75
CA CYS A 133 8.96 7.63 -0.10
C CYS A 133 10.46 7.85 -0.32
N ALA A 134 10.84 8.15 -1.56
CA ALA A 134 12.22 8.48 -1.89
C ALA A 134 12.69 9.69 -1.08
N SER A 135 11.83 10.71 -1.01
CA SER A 135 12.11 11.92 -0.25
C SER A 135 12.37 11.62 1.24
N MET A 136 11.48 10.86 1.85
CA MET A 136 11.63 10.50 3.26
C MET A 136 12.88 9.65 3.49
N ALA A 137 13.13 8.70 2.59
CA ALA A 137 14.30 7.83 2.72
C ALA A 137 15.61 8.64 2.75
N LEU A 138 15.74 9.59 1.82
CA LEU A 138 16.93 10.44 1.79
C LEU A 138 17.06 11.29 3.07
N GLN A 139 15.95 11.85 3.54
CA GLN A 139 15.97 12.66 4.77
C GLN A 139 16.41 11.84 5.97
N ILE A 140 15.91 10.61 6.07
CA ILE A 140 16.33 9.70 7.14
C ILE A 140 17.82 9.37 7.04
N LEU A 141 18.30 9.14 5.82
CA LEU A 141 19.73 8.85 5.60
CA LEU A 141 19.71 8.84 5.60
C LEU A 141 20.60 9.96 6.16
N TRP A 142 20.25 11.20 5.84
CA TRP A 142 21.05 12.35 6.29
C TRP A 142 21.03 12.48 7.81
N GLU A 143 19.85 12.32 8.40
CA GLU A 143 19.69 12.42 9.85
C GLU A 143 20.44 11.31 10.57
N ALA A 144 20.31 10.08 10.07
CA ALA A 144 21.03 8.96 10.65
C ALA A 144 22.54 9.13 10.52
N ALA A 145 23.01 9.43 9.31
CA ALA A 145 24.44 9.61 9.06
C ALA A 145 25.06 10.67 9.95
N ARG A 146 24.36 11.79 10.14
CA ARG A 146 24.93 12.90 10.90
C ARG A 146 24.97 12.65 12.41
N HIS A 147 24.26 11.60 12.87
CA HIS A 147 24.25 11.21 14.27
C HIS A 147 25.17 10.03 14.59
N LEU A 148 25.93 9.57 13.60
CA LEU A 148 26.85 8.44 13.79
C LEU A 148 28.03 8.80 14.68
O1 4U8 B . 6.83 0.16 -18.17
C7 4U8 B . 4.87 10.72 -12.48
O2 4U8 B . 3.94 4.46 -20.92
C6 4U8 B . 5.28 12.00 -12.89
C1 4U8 B . 5.61 7.33 -15.19
N1 4U8 B . 5.11 5.53 -18.48
C5 4U8 B . 5.70 12.13 -14.23
C4 4U8 B . 5.69 11.04 -15.11
C3 4U8 B . 5.27 9.76 -14.70
C2 4U8 B . 5.25 8.62 -15.62
O3 4U8 B . 4.43 6.37 -21.97
C28 4U8 B . 4.44 5.72 -20.94
C16 4U8 B . 4.68 6.23 -19.61
C15 4U8 B . 4.53 7.56 -19.23
C19 4U8 B . 5.56 4.16 -18.43
C24 4U8 B . 6.61 3.73 -19.25
C23 4U8 B . 7.05 2.40 -19.18
C22 4U8 B . 6.46 1.48 -18.29
C25 4U8 B . 6.20 -0.76 -17.26
C27 4U8 B . 4.95 -1.38 -17.89
C26 4U8 B . 7.24 -1.86 -17.02
C21 4U8 B . 5.40 1.93 -17.48
C20 4U8 B . 4.95 3.26 -17.54
C17 4U8 B . 5.21 6.41 -17.41
C18 4U8 B . 5.59 6.23 -16.05
C14 4U8 B . 4.85 7.69 -17.87
C13 4U8 B . 4.87 8.79 -16.97
C8 4U8 B . 4.85 9.63 -13.36
C9 4U8 B . 5.29 13.19 -11.90
C12 4U8 B . 4.77 14.52 -12.49
C11 4U8 B . 4.41 12.90 -10.66
C10 4U8 B . 6.74 13.46 -11.42
C1 PEG C . -10.86 -8.02 -9.93
O1 PEG C . -9.87 -7.83 -10.96
C2 PEG C . -11.53 -6.68 -9.62
O2 PEG C . -12.61 -6.86 -8.72
C3 PEG C . -13.18 -5.61 -8.34
C4 PEG C . -13.85 -5.71 -6.98
O4 PEG C . -15.24 -5.97 -7.16
N1 GSH D . 7.28 -5.90 -8.88
CA1 GSH D . 7.01 -4.76 -9.81
C1 GSH D . 6.66 -5.26 -11.20
O11 GSH D . 6.20 -4.45 -12.03
O12 GSH D . 6.84 -6.47 -11.45
CB1 GSH D . 8.20 -3.80 -9.79
CG1 GSH D . 7.99 -2.46 -10.51
CD1 GSH D . 6.66 -1.82 -10.15
OE1 GSH D . 6.27 -1.79 -9.01
N2 GSH D . 5.96 -1.31 -11.17
CA2 GSH D . 4.67 -0.68 -11.00
C2 GSH D . 3.51 -1.64 -10.98
O2 GSH D . 2.38 -1.22 -10.78
CB2 GSH D . 4.44 0.36 -12.10
SG2 GSH D . 4.47 -0.36 -13.77
N3 GSH D . 3.78 -2.93 -11.17
CA3 GSH D . 2.75 -3.95 -11.27
C3 GSH D . 2.96 -5.13 -10.35
O31 GSH D . 3.83 -5.06 -9.45
O32 GSH D . 2.25 -6.15 -10.53
C1 BOG E . 14.44 15.61 -1.25
O1 BOG E . 13.77 14.46 -1.79
C2 BOG E . 13.96 15.85 0.17
O2 BOG E . 12.57 16.18 0.15
C3 BOG E . 14.73 17.01 0.80
O3 BOG E . 14.38 17.14 2.18
C4 BOG E . 16.22 16.78 0.67
O4 BOG E . 16.92 17.95 1.10
C5 BOG E . 16.58 16.48 -0.78
O5 BOG E . 15.85 15.36 -1.24
C6 BOG E . 18.07 16.18 -0.91
O6 BOG E . 18.36 14.93 -0.28
C1' BOG E . 13.88 14.39 -3.21
C2' BOG E . 12.87 13.36 -3.73
C3' BOG E . 13.59 12.24 -4.46
C4' BOG E . 12.78 11.80 -5.69
C1 BOG F . -14.49 -2.12 -12.12
O1 BOG F . -13.92 -1.30 -11.10
C2 BOG F . -15.25 -1.24 -13.10
O2 BOG F . -16.38 -0.66 -12.42
C3 BOG F . -15.73 -2.01 -14.33
O3 BOG F . -16.15 -1.08 -15.34
C4 BOG F . -14.66 -2.94 -14.91
O4 BOG F . -15.28 -3.84 -15.82
C5 BOG F . -13.92 -3.71 -13.81
O5 BOG F . -13.44 -2.81 -12.82
C6 BOG F . -12.74 -4.48 -14.37
O6 BOG F . -12.06 -5.12 -13.29
C1' BOG F . -13.33 -2.08 -10.05
C2' BOG F . -12.48 -1.17 -9.17
C3' BOG F . -12.24 -1.83 -7.82
C4' BOG F . -11.45 -0.90 -6.91
C5' BOG F . -11.38 -1.47 -5.49
C6' BOG F . -10.51 -0.60 -4.60
C7' BOG F . -10.29 -1.27 -3.25
C8' BOG F . -9.55 -0.34 -2.31
O1 PG4 G . 9.77 19.25 -0.49
C1 PG4 G . 10.76 18.62 -1.30
C2 PG4 G . 10.09 17.92 -2.47
O2 PG4 G . 10.13 16.50 -2.28
C3 PG4 G . 9.91 15.79 -3.49
C4 PG4 G . 8.85 14.71 -3.27
O3 PG4 G . 7.63 15.32 -2.90
C5 PG4 G . 6.64 14.35 -2.54
C6 PG4 G . 5.48 15.01 -1.81
O4 PG4 G . 5.95 16.04 -0.96
C7 PG4 G . 5.38 17.31 -1.29
C8 PG4 G . 6.47 18.37 -1.38
O5 PG4 G . 6.93 18.68 -0.06
#